data_345D
# 
_entry.id   345D 
# 
_audit_conform.dict_name       mmcif_pdbx.dic 
_audit_conform.dict_version    5.387 
_audit_conform.dict_location   http://mmcif.pdb.org/dictionaries/ascii/mmcif_pdbx.dic 
# 
loop_
_database_2.database_id 
_database_2.database_code 
_database_2.pdbx_database_accession 
_database_2.pdbx_DOI 
PDB   345D         pdb_0000345d 10.2210/pdb345d/pdb 
RCSB  ADHB100      ?            ?                   
WWPDB D_1000178814 ?            ?                   
# 
loop_
_pdbx_audit_revision_history.ordinal 
_pdbx_audit_revision_history.data_content_type 
_pdbx_audit_revision_history.major_revision 
_pdbx_audit_revision_history.minor_revision 
_pdbx_audit_revision_history.revision_date 
1 'Structure model' 1 0 1997-08-29 
2 'Structure model' 1 1 2008-05-22 
3 'Structure model' 1 2 2011-07-13 
4 'Structure model' 1 3 2024-02-21 
# 
_pdbx_audit_revision_details.ordinal             1 
_pdbx_audit_revision_details.revision_ordinal    1 
_pdbx_audit_revision_details.data_content_type   'Structure model' 
_pdbx_audit_revision_details.provider            repository 
_pdbx_audit_revision_details.type                'Initial release' 
_pdbx_audit_revision_details.description         ? 
_pdbx_audit_revision_details.details             ? 
# 
loop_
_pdbx_audit_revision_group.ordinal 
_pdbx_audit_revision_group.revision_ordinal 
_pdbx_audit_revision_group.data_content_type 
_pdbx_audit_revision_group.group 
1 2 'Structure model' 'Version format compliance' 
2 3 'Structure model' 'Version format compliance' 
3 4 'Structure model' 'Data collection'           
4 4 'Structure model' 'Database references'       
5 4 'Structure model' 'Derived calculations'      
# 
loop_
_pdbx_audit_revision_category.ordinal 
_pdbx_audit_revision_category.revision_ordinal 
_pdbx_audit_revision_category.data_content_type 
_pdbx_audit_revision_category.category 
1 4 'Structure model' chem_comp_atom 
2 4 'Structure model' chem_comp_bond 
3 4 'Structure model' database_2     
4 4 'Structure model' struct_conn    
# 
loop_
_pdbx_audit_revision_item.ordinal 
_pdbx_audit_revision_item.revision_ordinal 
_pdbx_audit_revision_item.data_content_type 
_pdbx_audit_revision_item.item 
1 4 'Structure model' '_database_2.pdbx_DOI'                
2 4 'Structure model' '_database_2.pdbx_database_accession' 
3 4 'Structure model' '_struct_conn.pdbx_leaving_atom_flag' 
# 
_pdbx_database_status.status_code                     REL 
_pdbx_database_status.entry_id                        345D 
_pdbx_database_status.recvd_initial_deposition_date   1997-08-15 
_pdbx_database_status.deposit_site                    NDB 
_pdbx_database_status.process_site                    NDB 
_pdbx_database_status.status_code_sf                  REL 
_pdbx_database_status.status_code_mr                  ? 
_pdbx_database_status.SG_entry                        ? 
_pdbx_database_status.pdb_format_compatible           Y 
_pdbx_database_status.status_code_cs                  ? 
_pdbx_database_status.status_code_nmr_data            ? 
_pdbx_database_status.methods_development_category    ? 
# 
loop_
_audit_author.name 
_audit_author.pdbx_ordinal 
'Mooers, B.H.M.' 1 
'Eichman, B.F.'  2 
'Ho, P.S.'       3 
# 
_citation.id                        primary 
_citation.title                     'Structural Parameters from Single-Crystal Structures for Accurate Models of A-DNA' 
_citation.journal_abbrev            'To be Published' 
_citation.journal_volume            ? 
_citation.page_first                ? 
_citation.page_last                 ? 
_citation.year                      ? 
_citation.journal_id_ASTM           ? 
_citation.country                   ? 
_citation.journal_id_ISSN           ? 
_citation.journal_id_CSD            0353 
_citation.book_publisher            ? 
_citation.pdbx_database_id_PubMed   ? 
_citation.pdbx_database_id_DOI      ? 
# 
loop_
_citation_author.citation_id 
_citation_author.name 
_citation_author.ordinal 
_citation_author.identifier_ORCID 
primary 'Mooers, B.H.M.' 1 ? 
primary 'Eichman, B.F.'  2 ? 
primary 'Ho, P.S.'       3 ? 
# 
loop_
_entity.id 
_entity.type 
_entity.src_method 
_entity.pdbx_description 
_entity.formula_weight 
_entity.pdbx_number_of_molecules 
_entity.pdbx_ec 
_entity.pdbx_mutation 
_entity.pdbx_fragment 
_entity.details 
1 polymer syn 
;DNA (5'-D(*GP*(5CM)P*GP*CP*GP*CP*GP*C)-3')
;
2442.620 1  ? ? ? ? 
2 water   nat water                                        18.015   16 ? ? ? ? 
# 
_entity_poly.entity_id                      1 
_entity_poly.type                           polydeoxyribonucleotide 
_entity_poly.nstd_linkage                   no 
_entity_poly.nstd_monomer                   yes 
_entity_poly.pdbx_seq_one_letter_code       '(DG)(5CM)(DG)(DC)(DG)(DC)(DG)(DC)' 
_entity_poly.pdbx_seq_one_letter_code_can   GCGCGCGC 
_entity_poly.pdbx_strand_id                 A 
_entity_poly.pdbx_target_identifier         ? 
# 
_pdbx_entity_nonpoly.entity_id   2 
_pdbx_entity_nonpoly.name        water 
_pdbx_entity_nonpoly.comp_id     HOH 
# 
loop_
_entity_poly_seq.entity_id 
_entity_poly_seq.num 
_entity_poly_seq.mon_id 
_entity_poly_seq.hetero 
1 1 DG  n 
1 2 5CM n 
1 3 DG  n 
1 4 DC  n 
1 5 DG  n 
1 6 DC  n 
1 7 DG  n 
1 8 DC  n 
# 
loop_
_chem_comp.id 
_chem_comp.type 
_chem_comp.mon_nstd_flag 
_chem_comp.name 
_chem_comp.pdbx_synonyms 
_chem_comp.formula 
_chem_comp.formula_weight 
5CM 'DNA linking' n "5-METHYL-2'-DEOXY-CYTIDINE-5'-MONOPHOSPHATE" ? 'C10 H16 N3 O7 P' 321.224 
DC  'DNA linking' y "2'-DEOXYCYTIDINE-5'-MONOPHOSPHATE"           ? 'C9 H14 N3 O7 P'  307.197 
DG  'DNA linking' y "2'-DEOXYGUANOSINE-5'-MONOPHOSPHATE"          ? 'C10 H14 N5 O7 P' 347.221 
HOH non-polymer   . WATER                                         ? 'H2 O'            18.015  
# 
loop_
_pdbx_poly_seq_scheme.asym_id 
_pdbx_poly_seq_scheme.entity_id 
_pdbx_poly_seq_scheme.seq_id 
_pdbx_poly_seq_scheme.mon_id 
_pdbx_poly_seq_scheme.ndb_seq_num 
_pdbx_poly_seq_scheme.pdb_seq_num 
_pdbx_poly_seq_scheme.auth_seq_num 
_pdbx_poly_seq_scheme.pdb_mon_id 
_pdbx_poly_seq_scheme.auth_mon_id 
_pdbx_poly_seq_scheme.pdb_strand_id 
_pdbx_poly_seq_scheme.pdb_ins_code 
_pdbx_poly_seq_scheme.hetero 
A 1 1 DG  1 1 1 DG  G  A . n 
A 1 2 5CM 2 2 2 5CM +C A . n 
A 1 3 DG  3 3 3 DG  G  A . n 
A 1 4 DC  4 4 4 DC  C  A . n 
A 1 5 DG  5 5 5 DG  G  A . n 
A 1 6 DC  6 6 6 DC  C  A . n 
A 1 7 DG  7 7 7 DG  G  A . n 
A 1 8 DC  8 8 8 DC  C  A . n 
# 
loop_
_pdbx_nonpoly_scheme.asym_id 
_pdbx_nonpoly_scheme.entity_id 
_pdbx_nonpoly_scheme.mon_id 
_pdbx_nonpoly_scheme.ndb_seq_num 
_pdbx_nonpoly_scheme.pdb_seq_num 
_pdbx_nonpoly_scheme.auth_seq_num 
_pdbx_nonpoly_scheme.pdb_mon_id 
_pdbx_nonpoly_scheme.auth_mon_id 
_pdbx_nonpoly_scheme.pdb_strand_id 
_pdbx_nonpoly_scheme.pdb_ins_code 
B 2 HOH 1  9  9  HOH HOH A . 
B 2 HOH 2  10 10 HOH HOH A . 
B 2 HOH 3  11 11 HOH HOH A . 
B 2 HOH 4  12 12 HOH HOH A . 
B 2 HOH 5  13 13 HOH HOH A . 
B 2 HOH 6  14 14 HOH HOH A . 
B 2 HOH 7  15 15 HOH HOH A . 
B 2 HOH 8  16 16 HOH HOH A . 
B 2 HOH 9  17 17 HOH HOH A . 
B 2 HOH 10 18 18 HOH HOH A . 
B 2 HOH 11 19 19 HOH HOH A . 
B 2 HOH 12 20 20 HOH HOH A . 
B 2 HOH 13 21 21 HOH HOH A . 
B 2 HOH 14 22 22 HOH HOH A . 
B 2 HOH 15 23 23 HOH HOH A . 
B 2 HOH 16 24 24 HOH HOH A . 
# 
loop_
_software.name 
_software.classification 
_software.version 
_software.citation_id 
_software.pdbx_ordinal 
XTALVIEW  refinement       .   ? 1 
X-PLOR    'model building' .   ? 2 
X-PLOR    refinement       3.1 ? 3 
SAINT     'data reduction' .   ? 4 
SAINT     'data scaling'   .   ? 5 
SCALEPACK 'data scaling'   .   ? 6 
X-PLOR    phasing          .   ? 7 
# 
_cell.entry_id           345D 
_cell.length_a           43.070 
_cell.length_b           43.070 
_cell.length_c           25.360 
_cell.angle_alpha        90.00 
_cell.angle_beta         90.00 
_cell.angle_gamma        90.00 
_cell.Z_PDB              8 
_cell.pdbx_unique_axis   ? 
# 
_symmetry.entry_id                         345D 
_symmetry.space_group_name_H-M             'P 43 21 2' 
_symmetry.pdbx_full_space_group_name_H-M   ? 
_symmetry.cell_setting                     ? 
_symmetry.Int_Tables_number                96 
# 
_exptl.entry_id          345D 
_exptl.method            'X-RAY DIFFRACTION' 
_exptl.crystals_number   1 
# 
_exptl_crystal.id                    1 
_exptl_crystal.density_meas          ? 
_exptl_crystal.density_Matthews      2.41 
_exptl_crystal.density_percent_sol   48.91 
_exptl_crystal.description           ? 
# 
_exptl_crystal_grow.crystal_id      1 
_exptl_crystal_grow.method          ? 
_exptl_crystal_grow.temp            ? 
_exptl_crystal_grow.temp_details    ? 
_exptl_crystal_grow.pH              7.00 
_exptl_crystal_grow.pdbx_details    'pH 7.00' 
_exptl_crystal_grow.pdbx_pH_range   ? 
# 
_exptl_crystal_grow_comp.crystal_id   1 
_exptl_crystal_grow_comp.id           1 
_exptl_crystal_grow_comp.sol_id       1 
_exptl_crystal_grow_comp.name         WATER 
_exptl_crystal_grow_comp.volume       ? 
_exptl_crystal_grow_comp.conc         ? 
_exptl_crystal_grow_comp.details      ? 
# 
_diffrn.id                     1 
_diffrn.ambient_temp           298.00 
_diffrn.ambient_temp_details   ? 
_diffrn.crystal_id             1 
# 
_diffrn_detector.diffrn_id              1 
_diffrn_detector.detector               'AREA DETECTOR' 
_diffrn_detector.type                   'SIEMENS HI-STAR' 
_diffrn_detector.pdbx_collection_date   1996-05-25 
_diffrn_detector.details                ? 
# 
_diffrn_radiation.diffrn_id                        1 
_diffrn_radiation.wavelength_id                    1 
_diffrn_radiation.pdbx_monochromatic_or_laue_m_l   M 
_diffrn_radiation.monochromator                    ? 
_diffrn_radiation.pdbx_diffrn_protocol             ? 
_diffrn_radiation.pdbx_scattering_type             x-ray 
# 
_diffrn_radiation_wavelength.id           1 
_diffrn_radiation_wavelength.wavelength   . 
_diffrn_radiation_wavelength.wt           1.0 
# 
_diffrn_source.diffrn_id                   1 
_diffrn_source.source                      ? 
_diffrn_source.type                        ? 
_diffrn_source.pdbx_synchrotron_site       ? 
_diffrn_source.pdbx_synchrotron_beamline   ? 
_diffrn_source.pdbx_wavelength             ? 
_diffrn_source.pdbx_wavelength_list        ? 
# 
_reflns.entry_id                     345D 
_reflns.observed_criterion_sigma_I   2.000 
_reflns.observed_criterion_sigma_F   ? 
_reflns.d_resolution_low             15.300 
_reflns.d_resolution_high            1.680 
_reflns.number_obs                   2847 
_reflns.number_all                   ? 
_reflns.percent_possible_obs         86.030 
_reflns.pdbx_Rmerge_I_obs            0.03 
_reflns.pdbx_Rsym_value              ? 
_reflns.pdbx_netI_over_sigmaI        ? 
_reflns.B_iso_Wilson_estimate        ? 
_reflns.pdbx_redundancy              2.500 
_reflns.pdbx_diffrn_id               1 
_reflns.pdbx_ordinal                 1 
# 
_refine.entry_id                                 345D 
_refine.ls_number_reflns_obs                     1442 
_refine.ls_number_reflns_all                     ? 
_refine.pdbx_ls_sigma_I                          ? 
_refine.pdbx_ls_sigma_F                          3.000 
_refine.pdbx_data_cutoff_high_absF               ? 
_refine.pdbx_data_cutoff_low_absF                ? 
_refine.pdbx_data_cutoff_high_rms_absF           ? 
_refine.ls_d_res_low                             8.000 
_refine.ls_d_res_high                            1.850 
_refine.ls_percent_reflns_obs                    ? 
_refine.ls_R_factor_obs                          0.206 
_refine.ls_R_factor_all                          ? 
_refine.ls_R_factor_R_work                       0.206 
_refine.ls_R_factor_R_free                       ? 
_refine.ls_R_factor_R_free_error                 ? 
_refine.ls_R_factor_R_free_error_details         ? 
_refine.ls_percent_reflns_R_free                 ? 
_refine.ls_number_reflns_R_free                  ? 
_refine.ls_number_parameters                     ? 
_refine.ls_number_restraints                     ? 
_refine.occupancy_min                            ? 
_refine.occupancy_max                            ? 
_refine.B_iso_mean                               24.91 
_refine.aniso_B[1][1]                            ? 
_refine.aniso_B[2][2]                            ? 
_refine.aniso_B[3][3]                            ? 
_refine.aniso_B[1][2]                            ? 
_refine.aniso_B[1][3]                            ? 
_refine.aniso_B[2][3]                            ? 
_refine.solvent_model_details                    ? 
_refine.solvent_model_param_ksol                 ? 
_refine.solvent_model_param_bsol                 ? 
_refine.pdbx_ls_cross_valid_method               ? 
_refine.details                                  ? 
_refine.pdbx_starting_model                      ? 
_refine.pdbx_method_to_determine_struct          'MOLECULAR REPLACEMENT' 
_refine.pdbx_isotropic_thermal_model             ? 
_refine.pdbx_stereochemistry_target_values       ? 
_refine.pdbx_stereochem_target_val_spec_case     ? 
_refine.pdbx_R_Free_selection_details            ? 
_refine.pdbx_overall_ESU_R                       ? 
_refine.pdbx_overall_ESU_R_Free                  ? 
_refine.overall_SU_ML                            ? 
_refine.overall_SU_B                             ? 
_refine.pdbx_refine_id                           'X-RAY DIFFRACTION' 
_refine.pdbx_diffrn_id                           1 
_refine.pdbx_TLS_residual_ADP_flag               ? 
_refine.correlation_coeff_Fo_to_Fc               ? 
_refine.correlation_coeff_Fo_to_Fc_free          ? 
_refine.pdbx_solvent_vdw_probe_radii             ? 
_refine.pdbx_solvent_ion_probe_radii             ? 
_refine.pdbx_solvent_shrinkage_radii             ? 
_refine.pdbx_overall_phase_error                 ? 
_refine.overall_SU_R_Cruickshank_DPI             ? 
_refine.pdbx_overall_SU_R_free_Cruickshank_DPI   ? 
_refine.pdbx_overall_SU_R_Blow_DPI               ? 
_refine.pdbx_overall_SU_R_free_Blow_DPI          ? 
# 
_refine_hist.pdbx_refine_id                   'X-RAY DIFFRACTION' 
_refine_hist.cycle_id                         LAST 
_refine_hist.pdbx_number_atoms_protein        0 
_refine_hist.pdbx_number_atoms_nucleic_acid   161 
_refine_hist.pdbx_number_atoms_ligand         1 
_refine_hist.number_atoms_solvent             16 
_refine_hist.number_atoms_total               178 
_refine_hist.d_res_high                       1.850 
_refine_hist.d_res_low                        8.000 
# 
loop_
_refine_ls_restr.type 
_refine_ls_restr.dev_ideal 
_refine_ls_restr.dev_ideal_target 
_refine_ls_restr.weight 
_refine_ls_restr.number 
_refine_ls_restr.pdbx_refine_id 
_refine_ls_restr.pdbx_restraint_function 
x_bond_d                0.007 ? ? ? 'X-RAY DIFFRACTION' ? 
x_bond_d_na             ?     ? ? ? 'X-RAY DIFFRACTION' ? 
x_bond_d_prot           ?     ? ? ? 'X-RAY DIFFRACTION' ? 
x_angle_d               ?     ? ? ? 'X-RAY DIFFRACTION' ? 
x_angle_d_na            ?     ? ? ? 'X-RAY DIFFRACTION' ? 
x_angle_d_prot          ?     ? ? ? 'X-RAY DIFFRACTION' ? 
x_angle_deg             1.49  ? ? ? 'X-RAY DIFFRACTION' ? 
x_angle_deg_na          ?     ? ? ? 'X-RAY DIFFRACTION' ? 
x_angle_deg_prot        ?     ? ? ? 'X-RAY DIFFRACTION' ? 
x_dihedral_angle_d      ?     ? ? ? 'X-RAY DIFFRACTION' ? 
x_dihedral_angle_d_na   ?     ? ? ? 'X-RAY DIFFRACTION' ? 
x_dihedral_angle_d_prot ?     ? ? ? 'X-RAY DIFFRACTION' ? 
x_improper_angle_d      ?     ? ? ? 'X-RAY DIFFRACTION' ? 
x_improper_angle_d_na   ?     ? ? ? 'X-RAY DIFFRACTION' ? 
x_improper_angle_d_prot ?     ? ? ? 'X-RAY DIFFRACTION' ? 
x_mcbond_it             ?     ? ? ? 'X-RAY DIFFRACTION' ? 
x_mcangle_it            ?     ? ? ? 'X-RAY DIFFRACTION' ? 
x_scbond_it             ?     ? ? ? 'X-RAY DIFFRACTION' ? 
x_scangle_it            ?     ? ? ? 'X-RAY DIFFRACTION' ? 
# 
_pdbx_xplor_file.serial_no        1 
_pdbx_xplor_file.param_file       PAR.DNA 
_pdbx_xplor_file.topol_file       TOP.DNA 
_pdbx_xplor_file.pdbx_refine_id   'X-RAY DIFFRACTION' 
# 
_struct.entry_id                  345D 
_struct.title                     'STRUCTURAL PARAMETERS FROM SINGLE-CRYSTAL STRUCTURES FOR ACCURATE MODELS OF A-DNA' 
_struct.pdbx_model_details        ? 
_struct.pdbx_CASP_flag            ? 
_struct.pdbx_model_type_details   ? 
# 
_struct_keywords.entry_id        345D 
_struct_keywords.pdbx_keywords   DNA 
_struct_keywords.text            'A-DNA, DOUBLE HELIX, MODIFIED, DNA' 
# 
loop_
_struct_asym.id 
_struct_asym.pdbx_blank_PDB_chainid_flag 
_struct_asym.pdbx_modified 
_struct_asym.entity_id 
_struct_asym.details 
A N N 1 ? 
B N N 2 ? 
# 
_struct_ref.id                         1 
_struct_ref.entity_id                  1 
_struct_ref.db_name                    PDB 
_struct_ref.db_code                    345D 
_struct_ref.pdbx_db_accession          345D 
_struct_ref.pdbx_db_isoform            ? 
_struct_ref.pdbx_seq_one_letter_code   ? 
_struct_ref.pdbx_align_begin           ? 
# 
_struct_ref_seq.align_id                      1 
_struct_ref_seq.ref_id                        1 
_struct_ref_seq.pdbx_PDB_id_code              345D 
_struct_ref_seq.pdbx_strand_id                A 
_struct_ref_seq.seq_align_beg                 1 
_struct_ref_seq.pdbx_seq_align_beg_ins_code   ? 
_struct_ref_seq.seq_align_end                 8 
_struct_ref_seq.pdbx_seq_align_end_ins_code   ? 
_struct_ref_seq.pdbx_db_accession             345D 
_struct_ref_seq.db_align_beg                  1 
_struct_ref_seq.pdbx_db_align_beg_ins_code    ? 
_struct_ref_seq.db_align_end                  8 
_struct_ref_seq.pdbx_db_align_end_ins_code    ? 
_struct_ref_seq.pdbx_auth_seq_align_beg       1 
_struct_ref_seq.pdbx_auth_seq_align_end       8 
# 
_pdbx_struct_assembly.id                   1 
_pdbx_struct_assembly.details              author_defined_assembly 
_pdbx_struct_assembly.method_details       ? 
_pdbx_struct_assembly.oligomeric_details   dimeric 
_pdbx_struct_assembly.oligomeric_count     2 
# 
_pdbx_struct_assembly_gen.assembly_id       1 
_pdbx_struct_assembly_gen.oper_expression   1,2 
_pdbx_struct_assembly_gen.asym_id_list      A,B 
# 
loop_
_pdbx_struct_oper_list.id 
_pdbx_struct_oper_list.type 
_pdbx_struct_oper_list.name 
_pdbx_struct_oper_list.symmetry_operation 
_pdbx_struct_oper_list.matrix[1][1] 
_pdbx_struct_oper_list.matrix[1][2] 
_pdbx_struct_oper_list.matrix[1][3] 
_pdbx_struct_oper_list.vector[1] 
_pdbx_struct_oper_list.matrix[2][1] 
_pdbx_struct_oper_list.matrix[2][2] 
_pdbx_struct_oper_list.matrix[2][3] 
_pdbx_struct_oper_list.vector[2] 
_pdbx_struct_oper_list.matrix[3][1] 
_pdbx_struct_oper_list.matrix[3][2] 
_pdbx_struct_oper_list.matrix[3][3] 
_pdbx_struct_oper_list.vector[3] 
1 'identity operation'         1_555 x,y,z    1.0000000000 0.0000000000  0.0000000000 0.0000000000  0.0000000000  1.0000000000  0.0000000000  0.0000000000  0.0000000000 0.0000000000  1.0000000000  0.0000000000 
2 'crystal symmetry operation' 7_556 y,x,-z+1 0.3706906615 -0.9140773858 0.1644717795 -1.5887283389 -0.9140773858 -0.3904259431 -0.1096818841 -1.6689340624 0.1644717795 -0.1096818841 -0.9802647184 3.9649368115 
# 
_struct_biol.id   1 
# 
loop_
_struct_conn.id 
_struct_conn.conn_type_id 
_struct_conn.pdbx_leaving_atom_flag 
_struct_conn.pdbx_PDB_id 
_struct_conn.ptnr1_label_asym_id 
_struct_conn.ptnr1_label_comp_id 
_struct_conn.ptnr1_label_seq_id 
_struct_conn.ptnr1_label_atom_id 
_struct_conn.pdbx_ptnr1_label_alt_id 
_struct_conn.pdbx_ptnr1_PDB_ins_code 
_struct_conn.pdbx_ptnr1_standard_comp_id 
_struct_conn.ptnr1_symmetry 
_struct_conn.ptnr2_label_asym_id 
_struct_conn.ptnr2_label_comp_id 
_struct_conn.ptnr2_label_seq_id 
_struct_conn.ptnr2_label_atom_id 
_struct_conn.pdbx_ptnr2_label_alt_id 
_struct_conn.pdbx_ptnr2_PDB_ins_code 
_struct_conn.ptnr1_auth_asym_id 
_struct_conn.ptnr1_auth_comp_id 
_struct_conn.ptnr1_auth_seq_id 
_struct_conn.ptnr2_auth_asym_id 
_struct_conn.ptnr2_auth_comp_id 
_struct_conn.ptnr2_auth_seq_id 
_struct_conn.ptnr2_symmetry 
_struct_conn.pdbx_ptnr3_label_atom_id 
_struct_conn.pdbx_ptnr3_label_seq_id 
_struct_conn.pdbx_ptnr3_label_comp_id 
_struct_conn.pdbx_ptnr3_label_asym_id 
_struct_conn.pdbx_ptnr3_label_alt_id 
_struct_conn.pdbx_ptnr3_PDB_ins_code 
_struct_conn.details 
_struct_conn.pdbx_dist_value 
_struct_conn.pdbx_value_order 
_struct_conn.pdbx_role 
covale1  covale both ? A DG  1 "O3'" ? ? ? 1_555 A 5CM 2 P  ? ? A DG  1 A 5CM 2 1_555 ? ? ? ? ? ? ?            1.596 ? ? 
covale2  covale both ? A 5CM 2 "O3'" ? ? ? 1_555 A DG  3 P  ? ? A 5CM 2 A DG  3 1_555 ? ? ? ? ? ? ?            1.605 ? ? 
hydrog1  hydrog ?    ? A DG  1 N1    ? ? ? 1_555 A DC  8 N3 ? ? A DG  1 A DC  8 7_556 ? ? ? ? ? ? WATSON-CRICK ?     ? ? 
hydrog2  hydrog ?    ? A DG  1 N2    ? ? ? 1_555 A DC  8 O2 ? ? A DG  1 A DC  8 7_556 ? ? ? ? ? ? WATSON-CRICK ?     ? ? 
hydrog3  hydrog ?    ? A DG  1 O6    ? ? ? 1_555 A DC  8 N4 ? ? A DG  1 A DC  8 7_556 ? ? ? ? ? ? WATSON-CRICK ?     ? ? 
hydrog4  hydrog ?    ? A 5CM 2 N3    ? ? ? 1_555 A DG  7 N1 ? ? A 5CM 2 A DG  7 7_556 ? ? ? ? ? ? WATSON-CRICK ?     ? ? 
hydrog5  hydrog ?    ? A 5CM 2 N4    ? ? ? 1_555 A DG  7 O6 ? ? A 5CM 2 A DG  7 7_556 ? ? ? ? ? ? WATSON-CRICK ?     ? ? 
hydrog6  hydrog ?    ? A 5CM 2 O2    ? ? ? 1_555 A DG  7 N2 ? ? A 5CM 2 A DG  7 7_556 ? ? ? ? ? ? WATSON-CRICK ?     ? ? 
hydrog7  hydrog ?    ? A DG  3 N1    ? ? ? 1_555 A DC  6 N3 ? ? A DG  3 A DC  6 7_556 ? ? ? ? ? ? WATSON-CRICK ?     ? ? 
hydrog8  hydrog ?    ? A DG  3 N2    ? ? ? 1_555 A DC  6 O2 ? ? A DG  3 A DC  6 7_556 ? ? ? ? ? ? WATSON-CRICK ?     ? ? 
hydrog9  hydrog ?    ? A DG  3 O6    ? ? ? 1_555 A DC  6 N4 ? ? A DG  3 A DC  6 7_556 ? ? ? ? ? ? WATSON-CRICK ?     ? ? 
hydrog10 hydrog ?    ? A DC  4 N3    ? ? ? 1_555 A DG  5 N1 ? ? A DC  4 A DG  5 7_556 ? ? ? ? ? ? WATSON-CRICK ?     ? ? 
hydrog11 hydrog ?    ? A DC  4 N4    ? ? ? 1_555 A DG  5 O6 ? ? A DC  4 A DG  5 7_556 ? ? ? ? ? ? WATSON-CRICK ?     ? ? 
hydrog12 hydrog ?    ? A DC  4 O2    ? ? ? 1_555 A DG  5 N2 ? ? A DC  4 A DG  5 7_556 ? ? ? ? ? ? WATSON-CRICK ?     ? ? 
hydrog13 hydrog ?    ? A DG  5 N1    ? ? ? 1_555 A DC  4 N3 ? ? A DG  5 A DC  4 7_556 ? ? ? ? ? ? WATSON-CRICK ?     ? ? 
hydrog14 hydrog ?    ? A DG  5 N2    ? ? ? 1_555 A DC  4 O2 ? ? A DG  5 A DC  4 7_556 ? ? ? ? ? ? WATSON-CRICK ?     ? ? 
hydrog15 hydrog ?    ? A DG  5 O6    ? ? ? 1_555 A DC  4 N4 ? ? A DG  5 A DC  4 7_556 ? ? ? ? ? ? WATSON-CRICK ?     ? ? 
hydrog16 hydrog ?    ? A DC  6 N3    ? ? ? 1_555 A DG  3 N1 ? ? A DC  6 A DG  3 7_556 ? ? ? ? ? ? WATSON-CRICK ?     ? ? 
hydrog17 hydrog ?    ? A DC  6 N4    ? ? ? 1_555 A DG  3 O6 ? ? A DC  6 A DG  3 7_556 ? ? ? ? ? ? WATSON-CRICK ?     ? ? 
hydrog18 hydrog ?    ? A DC  6 O2    ? ? ? 1_555 A DG  3 N2 ? ? A DC  6 A DG  3 7_556 ? ? ? ? ? ? WATSON-CRICK ?     ? ? 
hydrog19 hydrog ?    ? A DG  7 N1    ? ? ? 1_555 A 5CM 2 N3 ? ? A DG  7 A 5CM 2 7_556 ? ? ? ? ? ? WATSON-CRICK ?     ? ? 
hydrog20 hydrog ?    ? A DG  7 N2    ? ? ? 1_555 A 5CM 2 O2 ? ? A DG  7 A 5CM 2 7_556 ? ? ? ? ? ? WATSON-CRICK ?     ? ? 
hydrog21 hydrog ?    ? A DG  7 O6    ? ? ? 1_555 A 5CM 2 N4 ? ? A DG  7 A 5CM 2 7_556 ? ? ? ? ? ? WATSON-CRICK ?     ? ? 
hydrog22 hydrog ?    ? A DC  8 N3    ? ? ? 1_555 A DG  1 N1 ? ? A DC  8 A DG  1 7_556 ? ? ? ? ? ? WATSON-CRICK ?     ? ? 
hydrog23 hydrog ?    ? A DC  8 N4    ? ? ? 1_555 A DG  1 O6 ? ? A DC  8 A DG  1 7_556 ? ? ? ? ? ? WATSON-CRICK ?     ? ? 
hydrog24 hydrog ?    ? A DC  8 O2    ? ? ? 1_555 A DG  1 N2 ? ? A DC  8 A DG  1 7_556 ? ? ? ? ? ? WATSON-CRICK ?     ? ? 
# 
loop_
_struct_conn_type.id 
_struct_conn_type.criteria 
_struct_conn_type.reference 
covale ? ? 
hydrog ? ? 
# 
_pdbx_struct_mod_residue.id               1 
_pdbx_struct_mod_residue.label_asym_id    A 
_pdbx_struct_mod_residue.label_comp_id    5CM 
_pdbx_struct_mod_residue.label_seq_id     2 
_pdbx_struct_mod_residue.auth_asym_id     A 
_pdbx_struct_mod_residue.auth_comp_id     5CM 
_pdbx_struct_mod_residue.auth_seq_id      2 
_pdbx_struct_mod_residue.PDB_ins_code     ? 
_pdbx_struct_mod_residue.parent_comp_id   DC 
_pdbx_struct_mod_residue.details          ? 
# 
loop_
_chem_comp_atom.comp_id 
_chem_comp_atom.atom_id 
_chem_comp_atom.type_symbol 
_chem_comp_atom.pdbx_aromatic_flag 
_chem_comp_atom.pdbx_stereo_config 
_chem_comp_atom.pdbx_ordinal 
5CM N1     N N N 1   
5CM C2     C N N 2   
5CM N3     N N N 3   
5CM C4     C N N 4   
5CM C5     C N N 5   
5CM C5A    C N N 6   
5CM C6     C N N 7   
5CM O2     O N N 8   
5CM N4     N N N 9   
5CM "C1'"  C N R 10  
5CM "C2'"  C N N 11  
5CM "C3'"  C N S 12  
5CM "C4'"  C N R 13  
5CM "O4'"  O N N 14  
5CM "O3'"  O N N 15  
5CM "C5'"  C N N 16  
5CM "O5'"  O N N 17  
5CM P      P N N 18  
5CM OP1    O N N 19  
5CM OP2    O N N 20  
5CM OP3    O N N 21  
5CM H5A1   H N N 22  
5CM H5A2   H N N 23  
5CM H5A3   H N N 24  
5CM H6     H N N 25  
5CM HN41   H N N 26  
5CM HN42   H N N 27  
5CM "H1'"  H N N 28  
5CM "H2'"  H N N 29  
5CM "H2''" H N N 30  
5CM "H3'"  H N N 31  
5CM "H4'"  H N N 32  
5CM "HO3'" H N N 33  
5CM "H5'"  H N N 34  
5CM "H5''" H N N 35  
5CM HOP2   H N N 36  
5CM HOP3   H N N 37  
DC  OP3    O N N 38  
DC  P      P N N 39  
DC  OP1    O N N 40  
DC  OP2    O N N 41  
DC  "O5'"  O N N 42  
DC  "C5'"  C N N 43  
DC  "C4'"  C N R 44  
DC  "O4'"  O N N 45  
DC  "C3'"  C N S 46  
DC  "O3'"  O N N 47  
DC  "C2'"  C N N 48  
DC  "C1'"  C N R 49  
DC  N1     N N N 50  
DC  C2     C N N 51  
DC  O2     O N N 52  
DC  N3     N N N 53  
DC  C4     C N N 54  
DC  N4     N N N 55  
DC  C5     C N N 56  
DC  C6     C N N 57  
DC  HOP3   H N N 58  
DC  HOP2   H N N 59  
DC  "H5'"  H N N 60  
DC  "H5''" H N N 61  
DC  "H4'"  H N N 62  
DC  "H3'"  H N N 63  
DC  "HO3'" H N N 64  
DC  "H2'"  H N N 65  
DC  "H2''" H N N 66  
DC  "H1'"  H N N 67  
DC  H41    H N N 68  
DC  H42    H N N 69  
DC  H5     H N N 70  
DC  H6     H N N 71  
DG  OP3    O N N 72  
DG  P      P N N 73  
DG  OP1    O N N 74  
DG  OP2    O N N 75  
DG  "O5'"  O N N 76  
DG  "C5'"  C N N 77  
DG  "C4'"  C N R 78  
DG  "O4'"  O N N 79  
DG  "C3'"  C N S 80  
DG  "O3'"  O N N 81  
DG  "C2'"  C N N 82  
DG  "C1'"  C N R 83  
DG  N9     N Y N 84  
DG  C8     C Y N 85  
DG  N7     N Y N 86  
DG  C5     C Y N 87  
DG  C6     C N N 88  
DG  O6     O N N 89  
DG  N1     N N N 90  
DG  C2     C N N 91  
DG  N2     N N N 92  
DG  N3     N N N 93  
DG  C4     C Y N 94  
DG  HOP3   H N N 95  
DG  HOP2   H N N 96  
DG  "H5'"  H N N 97  
DG  "H5''" H N N 98  
DG  "H4'"  H N N 99  
DG  "H3'"  H N N 100 
DG  "HO3'" H N N 101 
DG  "H2'"  H N N 102 
DG  "H2''" H N N 103 
DG  "H1'"  H N N 104 
DG  H8     H N N 105 
DG  H1     H N N 106 
DG  H21    H N N 107 
DG  H22    H N N 108 
HOH O      O N N 109 
HOH H1     H N N 110 
HOH H2     H N N 111 
# 
loop_
_chem_comp_bond.comp_id 
_chem_comp_bond.atom_id_1 
_chem_comp_bond.atom_id_2 
_chem_comp_bond.value_order 
_chem_comp_bond.pdbx_aromatic_flag 
_chem_comp_bond.pdbx_stereo_config 
_chem_comp_bond.pdbx_ordinal 
5CM N1    C2     sing N N 1   
5CM N1    C6     sing N N 2   
5CM N1    "C1'"  sing N N 3   
5CM C2    N3     sing N N 4   
5CM C2    O2     doub N N 5   
5CM N3    C4     doub N N 6   
5CM C4    C5     sing N N 7   
5CM C4    N4     sing N N 8   
5CM C5    C5A    sing N N 9   
5CM C5    C6     doub N N 10  
5CM C5A   H5A1   sing N N 11  
5CM C5A   H5A2   sing N N 12  
5CM C5A   H5A3   sing N N 13  
5CM C6    H6     sing N N 14  
5CM N4    HN41   sing N N 15  
5CM N4    HN42   sing N N 16  
5CM "C1'" "C2'"  sing N N 17  
5CM "C1'" "O4'"  sing N N 18  
5CM "C1'" "H1'"  sing N N 19  
5CM "C2'" "C3'"  sing N N 20  
5CM "C2'" "H2'"  sing N N 21  
5CM "C2'" "H2''" sing N N 22  
5CM "C3'" "C4'"  sing N N 23  
5CM "C3'" "O3'"  sing N N 24  
5CM "C3'" "H3'"  sing N N 25  
5CM "C4'" "O4'"  sing N N 26  
5CM "C4'" "C5'"  sing N N 27  
5CM "C4'" "H4'"  sing N N 28  
5CM "O3'" "HO3'" sing N N 29  
5CM "C5'" "O5'"  sing N N 30  
5CM "C5'" "H5'"  sing N N 31  
5CM "C5'" "H5''" sing N N 32  
5CM "O5'" P      sing N N 33  
5CM P     OP1    doub N N 34  
5CM P     OP2    sing N N 35  
5CM P     OP3    sing N N 36  
5CM OP2   HOP2   sing N N 37  
5CM OP3   HOP3   sing N N 38  
DC  OP3   P      sing N N 39  
DC  OP3   HOP3   sing N N 40  
DC  P     OP1    doub N N 41  
DC  P     OP2    sing N N 42  
DC  P     "O5'"  sing N N 43  
DC  OP2   HOP2   sing N N 44  
DC  "O5'" "C5'"  sing N N 45  
DC  "C5'" "C4'"  sing N N 46  
DC  "C5'" "H5'"  sing N N 47  
DC  "C5'" "H5''" sing N N 48  
DC  "C4'" "O4'"  sing N N 49  
DC  "C4'" "C3'"  sing N N 50  
DC  "C4'" "H4'"  sing N N 51  
DC  "O4'" "C1'"  sing N N 52  
DC  "C3'" "O3'"  sing N N 53  
DC  "C3'" "C2'"  sing N N 54  
DC  "C3'" "H3'"  sing N N 55  
DC  "O3'" "HO3'" sing N N 56  
DC  "C2'" "C1'"  sing N N 57  
DC  "C2'" "H2'"  sing N N 58  
DC  "C2'" "H2''" sing N N 59  
DC  "C1'" N1     sing N N 60  
DC  "C1'" "H1'"  sing N N 61  
DC  N1    C2     sing N N 62  
DC  N1    C6     sing N N 63  
DC  C2    O2     doub N N 64  
DC  C2    N3     sing N N 65  
DC  N3    C4     doub N N 66  
DC  C4    N4     sing N N 67  
DC  C4    C5     sing N N 68  
DC  N4    H41    sing N N 69  
DC  N4    H42    sing N N 70  
DC  C5    C6     doub N N 71  
DC  C5    H5     sing N N 72  
DC  C6    H6     sing N N 73  
DG  OP3   P      sing N N 74  
DG  OP3   HOP3   sing N N 75  
DG  P     OP1    doub N N 76  
DG  P     OP2    sing N N 77  
DG  P     "O5'"  sing N N 78  
DG  OP2   HOP2   sing N N 79  
DG  "O5'" "C5'"  sing N N 80  
DG  "C5'" "C4'"  sing N N 81  
DG  "C5'" "H5'"  sing N N 82  
DG  "C5'" "H5''" sing N N 83  
DG  "C4'" "O4'"  sing N N 84  
DG  "C4'" "C3'"  sing N N 85  
DG  "C4'" "H4'"  sing N N 86  
DG  "O4'" "C1'"  sing N N 87  
DG  "C3'" "O3'"  sing N N 88  
DG  "C3'" "C2'"  sing N N 89  
DG  "C3'" "H3'"  sing N N 90  
DG  "O3'" "HO3'" sing N N 91  
DG  "C2'" "C1'"  sing N N 92  
DG  "C2'" "H2'"  sing N N 93  
DG  "C2'" "H2''" sing N N 94  
DG  "C1'" N9     sing N N 95  
DG  "C1'" "H1'"  sing N N 96  
DG  N9    C8     sing Y N 97  
DG  N9    C4     sing Y N 98  
DG  C8    N7     doub Y N 99  
DG  C8    H8     sing N N 100 
DG  N7    C5     sing Y N 101 
DG  C5    C6     sing N N 102 
DG  C5    C4     doub Y N 103 
DG  C6    O6     doub N N 104 
DG  C6    N1     sing N N 105 
DG  N1    C2     sing N N 106 
DG  N1    H1     sing N N 107 
DG  C2    N2     sing N N 108 
DG  C2    N3     doub N N 109 
DG  N2    H21    sing N N 110 
DG  N2    H22    sing N N 111 
DG  N3    C4     sing N N 112 
HOH O     H1     sing N N 113 
HOH O     H2     sing N N 114 
# 
_ndb_struct_conf_na.entry_id   345D 
_ndb_struct_conf_na.feature    'a-form double helix' 
# 
loop_
_ndb_struct_na_base_pair.model_number 
_ndb_struct_na_base_pair.i_label_asym_id 
_ndb_struct_na_base_pair.i_label_comp_id 
_ndb_struct_na_base_pair.i_label_seq_id 
_ndb_struct_na_base_pair.i_symmetry 
_ndb_struct_na_base_pair.j_label_asym_id 
_ndb_struct_na_base_pair.j_label_comp_id 
_ndb_struct_na_base_pair.j_label_seq_id 
_ndb_struct_na_base_pair.j_symmetry 
_ndb_struct_na_base_pair.shear 
_ndb_struct_na_base_pair.stretch 
_ndb_struct_na_base_pair.stagger 
_ndb_struct_na_base_pair.buckle 
_ndb_struct_na_base_pair.propeller 
_ndb_struct_na_base_pair.opening 
_ndb_struct_na_base_pair.pair_number 
_ndb_struct_na_base_pair.pair_name 
_ndb_struct_na_base_pair.i_auth_asym_id 
_ndb_struct_na_base_pair.i_auth_seq_id 
_ndb_struct_na_base_pair.i_PDB_ins_code 
_ndb_struct_na_base_pair.j_auth_asym_id 
_ndb_struct_na_base_pair.j_auth_seq_id 
_ndb_struct_na_base_pair.j_PDB_ins_code 
_ndb_struct_na_base_pair.hbond_type_28 
_ndb_struct_na_base_pair.hbond_type_12 
1 A DG  1 1_555 A DC  8 7_556 -0.405 -0.150 -0.114 -6.001 -8.062  -2.058 1 A_DG1:DC8_A  A 1 ? A 8 ? 19 1 
1 A 5CM 2 1_555 A DG  7 7_556 0.366  -0.053 0.036  5.924  -11.394 2.197  2 A_5CM2:DG7_A A 2 ? A 7 ? 19 1 
1 A DG  3 1_555 A DC  6 7_556 -0.300 -0.160 -0.040 -6.248 -12.692 3.505  3 A_DG3:DC6_A  A 3 ? A 6 ? 19 1 
1 A DC  4 1_555 A DG  5 7_556 0.149  -0.049 0.144  -4.911 -5.712  4.277  4 A_DC4:DG5_A  A 4 ? A 5 ? 19 1 
1 A DG  5 1_555 A DC  4 7_556 -0.149 -0.049 0.144  4.911  -5.712  4.277  5 A_DG5:DC4_A  A 5 ? A 4 ? 19 1 
1 A DC  6 1_555 A DG  3 7_556 0.300  -0.160 -0.040 6.248  -12.692 3.505  6 A_DC6:DG3_A  A 6 ? A 3 ? 19 1 
1 A DG  7 1_555 A 5CM 2 7_556 -0.366 -0.053 0.036  -5.924 -11.394 2.197  7 A_DG7:5CM2_A A 7 ? A 2 ? 19 1 
1 A DC  8 1_555 A DG  1 7_556 0.405  -0.150 -0.114 6.001  -8.062  -2.058 8 A_DC8:DG1_A  A 8 ? A 1 ? 19 1 
# 
loop_
_ndb_struct_na_base_pair_step.model_number 
_ndb_struct_na_base_pair_step.i_label_asym_id_1 
_ndb_struct_na_base_pair_step.i_label_comp_id_1 
_ndb_struct_na_base_pair_step.i_label_seq_id_1 
_ndb_struct_na_base_pair_step.i_symmetry_1 
_ndb_struct_na_base_pair_step.j_label_asym_id_1 
_ndb_struct_na_base_pair_step.j_label_comp_id_1 
_ndb_struct_na_base_pair_step.j_label_seq_id_1 
_ndb_struct_na_base_pair_step.j_symmetry_1 
_ndb_struct_na_base_pair_step.i_label_asym_id_2 
_ndb_struct_na_base_pair_step.i_label_comp_id_2 
_ndb_struct_na_base_pair_step.i_label_seq_id_2 
_ndb_struct_na_base_pair_step.i_symmetry_2 
_ndb_struct_na_base_pair_step.j_label_asym_id_2 
_ndb_struct_na_base_pair_step.j_label_comp_id_2 
_ndb_struct_na_base_pair_step.j_label_seq_id_2 
_ndb_struct_na_base_pair_step.j_symmetry_2 
_ndb_struct_na_base_pair_step.shift 
_ndb_struct_na_base_pair_step.slide 
_ndb_struct_na_base_pair_step.rise 
_ndb_struct_na_base_pair_step.tilt 
_ndb_struct_na_base_pair_step.roll 
_ndb_struct_na_base_pair_step.twist 
_ndb_struct_na_base_pair_step.x_displacement 
_ndb_struct_na_base_pair_step.y_displacement 
_ndb_struct_na_base_pair_step.helical_rise 
_ndb_struct_na_base_pair_step.inclination 
_ndb_struct_na_base_pair_step.tip 
_ndb_struct_na_base_pair_step.helical_twist 
_ndb_struct_na_base_pair_step.step_number 
_ndb_struct_na_base_pair_step.step_name 
_ndb_struct_na_base_pair_step.i_auth_asym_id_1 
_ndb_struct_na_base_pair_step.i_auth_seq_id_1 
_ndb_struct_na_base_pair_step.i_PDB_ins_code_1 
_ndb_struct_na_base_pair_step.j_auth_asym_id_1 
_ndb_struct_na_base_pair_step.j_auth_seq_id_1 
_ndb_struct_na_base_pair_step.j_PDB_ins_code_1 
_ndb_struct_na_base_pair_step.i_auth_asym_id_2 
_ndb_struct_na_base_pair_step.i_auth_seq_id_2 
_ndb_struct_na_base_pair_step.i_PDB_ins_code_2 
_ndb_struct_na_base_pair_step.j_auth_asym_id_2 
_ndb_struct_na_base_pair_step.j_auth_seq_id_2 
_ndb_struct_na_base_pair_step.j_PDB_ins_code_2 
1 A DG  1 1_555 A DC  8 7_556 A 5CM 2 1_555 A DG  7 7_556 0.270  -1.260 3.133 -2.131 4.242  33.371 -2.816 -0.788 2.933 7.340  
3.687  33.698 1 AA_DG15CM2:DG7DC8_AA A 1 ? A 8 ? A 2 ? A 7 ? 
1 A 5CM 2 1_555 A DG  7 7_556 A DG  3 1_555 A DC  6 7_556 -0.027 -1.620 3.614 0.832  10.672 29.227 -5.112 0.213  2.858 20.310 
-1.583 31.085 2 AA_5CM2DG3:DC6DG7_AA A 2 ? A 7 ? A 3 ? A 6 ? 
1 A DG  3 1_555 A DC  6 7_556 A DC  4 1_555 A DG  5 7_556 0.034  -1.317 3.306 -1.848 2.530  38.444 -2.306 -0.279 3.212 3.835  
2.801  38.567 3 AA_DG3DC4:DG5DC6_AA  A 3 ? A 6 ? A 4 ? A 5 ? 
1 A DC  4 1_555 A DG  5 7_556 A DG  5 1_555 A DC  4 7_556 0.000  -1.965 3.167 0.000  1.140  21.349 -5.741 0.000  3.059 3.075  
0.000  21.379 4 AA_DC4DG5:DC4DG5_AA  A 4 ? A 5 ? A 5 ? A 4 ? 
1 A DG  5 1_555 A DC  4 7_556 A DC  6 1_555 A DG  3 7_556 -0.034 -1.317 3.306 1.848  2.530  38.444 -2.306 0.279  3.212 3.835  
-2.801 38.567 5 AA_DG5DC6:DG3DC4_AA  A 5 ? A 4 ? A 6 ? A 3 ? 
1 A DC  6 1_555 A DG  3 7_556 A DG  7 1_555 A 5CM 2 7_556 0.027  -1.620 3.614 -0.832 10.672 29.227 -5.112 -0.213 2.858 20.310 
1.583  31.085 6 AA_DC6DG7:5CM2DG3_AA A 6 ? A 3 ? A 7 ? A 2 ? 
1 A DG  7 1_555 A 5CM 2 7_556 A DC  8 1_555 A DG  1 7_556 -0.270 -1.260 3.133 2.131  4.242  33.371 -2.816 0.788  2.933 7.340  
-3.687 33.698 7 AA_DG7DC8:DG15CM2_AA A 7 ? A 2 ? A 8 ? A 1 ? 
# 
_atom_sites.entry_id                    345D 
_atom_sites.fract_transf_matrix[1][1]   -0.02178064 
_atom_sites.fract_transf_matrix[1][2]   -0.00416116 
_atom_sites.fract_transf_matrix[1][3]   -0.00688215 
_atom_sites.fract_transf_matrix[2][1]   -0.00540218 
_atom_sites.fract_transf_matrix[2][2]   0.02228866 
_atom_sites.fract_transf_matrix[2][3]   0.00362043 
_atom_sites.fract_transf_matrix[3][1]   0.01011839 
_atom_sites.fract_transf_matrix[3][2]   0.00848758 
_atom_sites.fract_transf_matrix[3][3]   -0.03715457 
_atom_sites.fract_transf_vector[1]      0.765741 
_atom_sites.fract_transf_vector[2]      0.780002 
_atom_sites.fract_transf_vector[3]      0.588776 
# 
loop_
_atom_type.symbol 
C 
N 
O 
P 
# 
loop_
_atom_site.group_PDB 
_atom_site.id 
_atom_site.type_symbol 
_atom_site.label_atom_id 
_atom_site.label_alt_id 
_atom_site.label_comp_id 
_atom_site.label_asym_id 
_atom_site.label_entity_id 
_atom_site.label_seq_id 
_atom_site.pdbx_PDB_ins_code 
_atom_site.Cartn_x 
_atom_site.Cartn_y 
_atom_site.Cartn_z 
_atom_site.occupancy 
_atom_site.B_iso_or_equiv 
_atom_site.pdbx_formal_charge 
_atom_site.auth_seq_id 
_atom_site.auth_comp_id 
_atom_site.auth_asym_id 
_atom_site.auth_atom_id 
_atom_site.pdbx_PDB_model_num 
ATOM   1   O "O5'" . DG  A 1 1 ? -7.292 8.987   8.650  1.00 26.58 ? 1  DG  A "O5'" 1 
ATOM   2   C "C5'" . DG  A 1 1 ? -7.528 10.186  7.893  1.00 26.39 ? 1  DG  A "C5'" 1 
ATOM   3   C "C4'" . DG  A 1 1 ? -6.387 11.174  7.805  1.00 22.81 ? 1  DG  A "C4'" 1 
ATOM   4   O "O4'" . DG  A 1 1 ? -5.576 11.191  8.998  1.00 22.40 ? 1  DG  A "O4'" 1 
ATOM   5   C "C3'" . DG  A 1 1 ? -5.425 10.864  6.678  1.00 23.58 ? 1  DG  A "C3'" 1 
ATOM   6   O "O3'" . DG  A 1 1 ? -5.900 11.453  5.473  1.00 27.42 ? 1  DG  A "O3'" 1 
ATOM   7   C "C2'" . DG  A 1 1 ? -4.170 11.565  7.146  1.00 21.25 ? 1  DG  A "C2'" 1 
ATOM   8   C "C1'" . DG  A 1 1 ? -4.205 11.307  8.642  1.00 22.38 ? 1  DG  A "C1'" 1 
ATOM   9   N N9    . DG  A 1 1 ? -3.539 10.074  9.043  1.00 24.53 ? 1  DG  A N9    1 
ATOM   10  C C8    . DG  A 1 1 ? -4.143 8.929   9.500  1.00 24.42 ? 1  DG  A C8    1 
ATOM   11  N N7    . DG  A 1 1 ? -3.292 7.987   9.811  1.00 23.49 ? 1  DG  A N7    1 
ATOM   12  C C5    . DG  A 1 1 ? -2.050 8.544   9.544  1.00 24.50 ? 1  DG  A C5    1 
ATOM   13  C C6    . DG  A 1 1 ? -0.748 8.024   9.740  1.00 22.38 ? 1  DG  A C6    1 
ATOM   14  O O6    . DG  A 1 1 ? -0.417 6.921   10.159 1.00 22.44 ? 1  DG  A O6    1 
ATOM   15  N N1    . DG  A 1 1 ? 0.226  8.937   9.385  1.00 21.83 ? 1  DG  A N1    1 
ATOM   16  C C2    . DG  A 1 1 ? -0.017 10.183  8.889  1.00 21.71 ? 1  DG  A C2    1 
ATOM   17  N N2    . DG  A 1 1 ? 1.047  10.904  8.569  1.00 21.23 ? 1  DG  A N2    1 
ATOM   18  N N3    . DG  A 1 1 ? -1.215 10.689  8.709  1.00 24.20 ? 1  DG  A N3    1 
ATOM   19  C C4    . DG  A 1 1 ? -2.183 9.826   9.056  1.00 24.56 ? 1  DG  A C4    1 
HETATM 20  N N1    . 5CM A 1 2 ? -0.854 9.308   5.362  1.00 24.47 ? 2  5CM A N1    1 
HETATM 21  C C2    . 5CM A 1 2 ? 0.248  8.594   5.778  1.00 24.02 ? 2  5CM A C2    1 
HETATM 22  N N3    . 5CM A 1 2 ? 0.080  7.398   6.363  1.00 21.66 ? 2  5CM A N3    1 
HETATM 23  C C4    . 5CM A 1 2 ? -1.140 6.905   6.527  1.00 21.87 ? 2  5CM A C4    1 
HETATM 24  C C5    . 5CM A 1 2 ? -2.295 7.614   6.112  1.00 22.80 ? 2  5CM A C5    1 
HETATM 25  C C5A   . 5CM A 1 2 ? -3.640 7.003   6.348  1.00 21.87 ? 2  5CM A C5A   1 
HETATM 26  C C6    . 5CM A 1 2 ? -2.110 8.804   5.533  1.00 22.14 ? 2  5CM A C6    1 
HETATM 27  O O2    . 5CM A 1 2 ? 1.370  9.081   5.590  1.00 25.10 ? 2  5CM A O2    1 
HETATM 28  N N4    . 5CM A 1 2 ? -1.257 5.707   7.093  1.00 22.26 ? 2  5CM A N4    1 
HETATM 29  C "C1'" . 5CM A 1 2 ? -0.609 10.617  4.746  1.00 27.36 ? 2  5CM A "C1'" 1 
HETATM 30  C "C2'" . 5CM A 1 2 ? -0.249 10.515  3.271  1.00 27.00 ? 2  5CM A "C2'" 1 
HETATM 31  C "C3'" . 5CM A 1 2 ? -1.606 10.685  2.622  1.00 29.61 ? 2  5CM A "C3'" 1 
HETATM 32  C "C4'" . 5CM A 1 2 ? -2.199 11.765  3.505  1.00 29.07 ? 2  5CM A "C4'" 1 
HETATM 33  O "O4'" . 5CM A 1 2 ? -1.803 11.394  4.838  1.00 28.55 ? 2  5CM A "O4'" 1 
HETATM 34  O "O3'" . 5CM A 1 2 ? -1.472 11.174  1.292  1.00 36.64 ? 2  5CM A "O3'" 1 
HETATM 35  C "C5'" . 5CM A 1 2 ? -3.695 11.898  3.359  1.00 26.66 ? 2  5CM A "C5'" 1 
HETATM 36  O "O5'" . 5CM A 1 2 ? -4.313 10.667  3.682  1.00 28.66 ? 2  5CM A "O5'" 1 
HETATM 37  P P     . 5CM A 1 2 ? -5.835 10.622  4.112  1.00 28.56 ? 2  5CM A P     1 
HETATM 38  O OP1   . 5CM A 1 2 ? -6.587 11.340  3.063  1.00 33.62 ? 2  5CM A OP1   1 
HETATM 39  O OP2   . 5CM A 1 2 ? -6.176 9.222   4.443  1.00 28.79 ? 2  5CM A OP2   1 
ATOM   40  P P     . DG  A 1 3 ? -1.222 10.140  0.092  1.00 38.99 ? 3  DG  A P     1 
ATOM   41  O OP1   . DG  A 1 3 ? -1.170 10.972  -1.129 1.00 41.65 ? 3  DG  A OP1   1 
ATOM   42  O OP2   . DG  A 1 3 ? -2.199 9.019   0.190  1.00 39.50 ? 3  DG  A OP2   1 
ATOM   43  O "O5'" . DG  A 1 3 ? 0.217  9.532   0.384  1.00 37.40 ? 3  DG  A "O5'" 1 
ATOM   44  C "C5'" . DG  A 1 3 ? 1.382  10.110  -0.183 1.00 33.55 ? 3  DG  A "C5'" 1 
ATOM   45  C "C4'" . DG  A 1 3 ? 2.593  9.312   0.235  1.00 34.69 ? 3  DG  A "C4'" 1 
ATOM   46  O "O4'" . DG  A 1 3 ? 2.482  8.981   1.630  1.00 34.42 ? 3  DG  A "O4'" 1 
ATOM   47  C "C3'" . DG  A 1 3 ? 2.742  7.973   -0.465 1.00 34.67 ? 3  DG  A "C3'" 1 
ATOM   48  O "O3'" . DG  A 1 3 ? 3.469  8.117   -1.682 1.00 37.58 ? 3  DG  A "O3'" 1 
ATOM   49  C "C2'" . DG  A 1 3 ? 3.637  7.241   0.511  1.00 32.56 ? 3  DG  A "C2'" 1 
ATOM   50  C "C1'" . DG  A 1 3 ? 3.145  7.740   1.857  1.00 30.07 ? 3  DG  A "C1'" 1 
ATOM   51  N N9    . DG  A 1 3 ? 2.194  6.815   2.451  1.00 24.72 ? 3  DG  A N9    1 
ATOM   52  C C8    . DG  A 1 3 ? 0.831  6.912   2.515  1.00 19.97 ? 3  DG  A C8    1 
ATOM   53  N N7    . DG  A 1 3 ? 0.285  5.927   3.168  1.00 19.66 ? 3  DG  A N7    1 
ATOM   54  C C5    . DG  A 1 3 ? 1.359  5.129   3.543  1.00 20.47 ? 3  DG  A C5    1 
ATOM   55  C C6    . DG  A 1 3 ? 1.391  3.893   4.238  1.00 18.14 ? 3  DG  A C6    1 
ATOM   56  O O6    . DG  A 1 3 ? 0.443  3.271   4.746  1.00 19.79 ? 3  DG  A O6    1 
ATOM   57  N N1    . DG  A 1 3 ? 2.689  3.390   4.320  1.00 16.90 ? 3  DG  A N1    1 
ATOM   58  C C2    . DG  A 1 3 ? 3.806  4.008   3.805  1.00 19.91 ? 3  DG  A C2    1 
ATOM   59  N N2    . DG  A 1 3 ? 4.975  3.386   3.969  1.00 19.45 ? 3  DG  A N2    1 
ATOM   60  N N3    . DG  A 1 3 ? 3.784  5.163   3.169  1.00 20.08 ? 3  DG  A N3    1 
ATOM   61  C C4    . DG  A 1 3 ? 2.539  5.662   3.084  1.00 21.36 ? 3  DG  A C4    1 
ATOM   62  P P     . DC  A 1 4 ? 3.376  6.963   -2.786 1.00 36.90 ? 4  DC  A P     1 
ATOM   63  O OP1   . DC  A 1 4 ? 4.103  7.436   -3.993 1.00 41.61 ? 4  DC  A OP1   1 
ATOM   64  O OP2   . DC  A 1 4 ? 1.920  6.622   -2.873 1.00 37.56 ? 4  DC  A OP2   1 
ATOM   65  O "O5'" . DC  A 1 4 ? 4.199  5.740   -2.169 1.00 34.43 ? 4  DC  A "O5'" 1 
ATOM   66  C "C5'" . DC  A 1 4 ? 5.623  5.832   -1.923 1.00 28.98 ? 4  DC  A "C5'" 1 
ATOM   67  C "C4'" . DC  A 1 4 ? 6.166  4.508   -1.433 1.00 24.13 ? 4  DC  A "C4'" 1 
ATOM   68  O "O4'" . DC  A 1 4 ? 5.751  4.237   -0.081 1.00 25.02 ? 4  DC  A "O4'" 1 
ATOM   69  C "C3'" . DC  A 1 4 ? 5.665  3.324   -2.232 1.00 23.46 ? 4  DC  A "C3'" 1 
ATOM   70  O "O3'" . DC  A 1 4 ? 6.501  3.118   -3.364 1.00 25.78 ? 4  DC  A "O3'" 1 
ATOM   71  C "C2'" . DC  A 1 4 ? 5.854  2.190   -1.250 1.00 22.52 ? 4  DC  A "C2'" 1 
ATOM   72  C "C1'" . DC  A 1 4 ? 5.471  2.847   0.063  1.00 23.56 ? 4  DC  A "C1'" 1 
ATOM   73  N N1    . DC  A 1 4 ? 4.053  2.698   0.423  1.00 21.68 ? 4  DC  A N1    1 
ATOM   74  C C2    . DC  A 1 4 ? 3.683  1.587   1.171  1.00 18.12 ? 4  DC  A C2    1 
ATOM   75  O O2    . DC  A 1 4 ? 4.535  0.759   1.460  1.00 20.20 ? 4  DC  A O2    1 
ATOM   76  N N3    . DC  A 1 4 ? 2.399  1.433   1.556  1.00 20.35 ? 4  DC  A N3    1 
ATOM   77  C C4    . DC  A 1 4 ? 1.482  2.334   1.201  1.00 19.14 ? 4  DC  A C4    1 
ATOM   78  N N4    . DC  A 1 4 ? 0.218  2.122   1.616  1.00 17.80 ? 4  DC  A N4    1 
ATOM   79  C C5    . DC  A 1 4 ? 1.820  3.481   0.413  1.00 19.08 ? 4  DC  A C5    1 
ATOM   80  C C6    . DC  A 1 4 ? 3.110  3.621   0.050  1.00 20.71 ? 4  DC  A C6    1 
ATOM   81  P P     . DG  A 1 5 ? 6.054  2.051   -4.472 1.00 27.05 ? 5  DG  A P     1 
ATOM   82  O OP1   . DG  A 1 5 ? 6.918  2.225   -5.671 1.00 29.58 ? 5  DG  A OP1   1 
ATOM   83  O OP2   . DG  A 1 5 ? 4.591  2.129   -4.613 1.00 32.02 ? 5  DG  A OP2   1 
ATOM   84  O "O5'" . DG  A 1 5 ? 6.356  0.663   -3.752 1.00 26.72 ? 5  DG  A "O5'" 1 
ATOM   85  C "C5'" . DG  A 1 5 ? 5.577  -0.514  -4.027 1.00 22.21 ? 5  DG  A "C5'" 1 
ATOM   86  C "C4'" . DG  A 1 5 ? 5.883  -1.579  -3.002 1.00 19.82 ? 5  DG  A "C4'" 1 
ATOM   87  O "O4'" . DG  A 1 5 ? 5.433  -1.097  -1.723 1.00 19.04 ? 5  DG  A "O4'" 1 
ATOM   88  C "C3'" . DG  A 1 5 ? 5.141  -2.888  -3.221 1.00 20.97 ? 5  DG  A "C3'" 1 
ATOM   89  O "O3'" . DG  A 1 5 ? 5.961  -3.763  -4.009 1.00 26.05 ? 5  DG  A "O3'" 1 
ATOM   90  C "C2'" . DG  A 1 5 ? 5.035  -3.411  -1.805 1.00 17.08 ? 5  DG  A "C2'" 1 
ATOM   91  C "C1'" . DG  A 1 5 ? 4.798  -2.141  -1.011 1.00 16.42 ? 5  DG  A "C1'" 1 
ATOM   92  N N9    . DG  A 1 5 ? 3.397  -1.784  -0.880 1.00 15.74 ? 5  DG  A N9    1 
ATOM   93  C C8    . DG  A 1 5 ? 2.748  -0.738  -1.483 1.00 14.36 ? 5  DG  A C8    1 
ATOM   94  N N7    . DG  A 1 5 ? 1.493  -0.661  -1.143 1.00 15.06 ? 5  DG  A N7    1 
ATOM   95  C C5    . DG  A 1 5 ? 1.306  -1.724  -0.263 1.00 13.73 ? 5  DG  A C5    1 
ATOM   96  C C6    . DG  A 1 5 ? 0.144  -2.166  0.430  1.00 14.10 ? 5  DG  A C6    1 
ATOM   97  O O6    . DG  A 1 5 ? -1.000 -1.678  0.427  1.00 15.97 ? 5  DG  A O6    1 
ATOM   98  N N1    . DG  A 1 5 ? 0.403  -3.312  1.179  1.00 15.74 ? 5  DG  A N1    1 
ATOM   99  C C2    . DG  A 1 5 ? 1.611  -3.964  1.235  1.00 15.38 ? 5  DG  A C2    1 
ATOM   100 N N2    . DG  A 1 5 ? 1.653  -5.082  1.966  1.00 13.63 ? 5  DG  A N2    1 
ATOM   101 N N3    . DG  A 1 5 ? 2.696  -3.558  0.608  1.00 16.49 ? 5  DG  A N3    1 
ATOM   102 C C4    . DG  A 1 5 ? 2.473  -2.436  -0.111 1.00 15.32 ? 5  DG  A C4    1 
ATOM   103 P P     . DC  A 1 6 ? 5.286  -4.770  -5.066 1.00 26.17 ? 6  DC  A P     1 
ATOM   104 O OP1   . DC  A 1 6 ? 6.381  -5.383  -5.843 1.00 30.80 ? 6  DC  A OP1   1 
ATOM   105 O OP2   . DC  A 1 6 ? 4.204  -4.036  -5.780 1.00 27.27 ? 6  DC  A OP2   1 
ATOM   106 O "O5'" . DC  A 1 6 ? 4.656  -5.919  -4.173 1.00 23.24 ? 6  DC  A "O5'" 1 
ATOM   107 C "C5'" . DC  A 1 6 ? 5.496  -6.711  -3.358 1.00 21.47 ? 6  DC  A "C5'" 1 
ATOM   108 C "C4'" . DC  A 1 6 ? 4.654  -7.607  -2.487 1.00 23.59 ? 6  DC  A "C4'" 1 
ATOM   109 O "O4'" . DC  A 1 6 ? 4.029  -6.805  -1.473 1.00 22.61 ? 6  DC  A "O4'" 1 
ATOM   110 C "C3'" . DC  A 1 6 ? 3.499  -8.298  -3.200 1.00 27.10 ? 6  DC  A "C3'" 1 
ATOM   111 O "O3'" . DC  A 1 6 ? 3.934  -9.512  -3.839 1.00 32.81 ? 6  DC  A "O3'" 1 
ATOM   112 C "C2'" . DC  A 1 6 ? 2.607  -8.616  -2.019 1.00 23.94 ? 6  DC  A "C2'" 1 
ATOM   113 C "C1'" . DC  A 1 6 ? 2.730  -7.330  -1.219 1.00 20.89 ? 6  DC  A "C1'" 1 
ATOM   114 N N1    . DC  A 1 6 ? 1.749  -6.337  -1.644 1.00 18.18 ? 6  DC  A N1    1 
ATOM   115 C C2    . DC  A 1 6 ? 0.507  -6.400  -1.063 1.00 17.63 ? 6  DC  A C2    1 
ATOM   116 O O2    . DC  A 1 6 ? 0.275  -7.337  -0.286 1.00 21.05 ? 6  DC  A O2    1 
ATOM   117 N N3    . DC  A 1 6 ? -0.418 -5.465  -1.356 1.00 16.24 ? 6  DC  A N3    1 
ATOM   118 C C4    . DC  A 1 6 ? -0.131 -4.509  -2.228 1.00 14.56 ? 6  DC  A C4    1 
ATOM   119 N N4    . DC  A 1 6 ? -1.080 -3.606  -2.469 1.00 17.24 ? 6  DC  A N4    1 
ATOM   120 C C5    . DC  A 1 6 ? 1.136  -4.440  -2.881 1.00 13.22 ? 6  DC  A C5    1 
ATOM   121 C C6    . DC  A 1 6 ? 2.040  -5.369  -2.562 1.00 14.33 ? 6  DC  A C6    1 
ATOM   122 P P     . DG  A 1 7 ? 3.121  -10.113 -5.099 1.00 31.40 ? 7  DG  A P     1 
ATOM   123 O OP1   . DG  A 1 7 ? 3.978  -11.236 -5.510 1.00 34.14 ? 7  DG  A OP1   1 
ATOM   124 O OP2   . DG  A 1 7 ? 2.753  -9.070  -6.100 1.00 32.15 ? 7  DG  A OP2   1 
ATOM   125 O "O5'" . DG  A 1 7 ? 1.775  -10.670 -4.453 1.00 27.75 ? 7  DG  A "O5'" 1 
ATOM   126 C "C5'" . DG  A 1 7 ? 1.788  -11.806 -3.590 1.00 24.13 ? 7  DG  A "C5'" 1 
ATOM   127 C "C4'" . DG  A 1 7 ? 0.428  -11.987 -2.963 1.00 22.89 ? 7  DG  A "C4'" 1 
ATOM   128 O "O4'" . DG  A 1 7 ? 0.058  -10.798 -2.248 1.00 23.11 ? 7  DG  A "O4'" 1 
ATOM   129 C "C3'" . DG  A 1 7 ? -0.715 -12.211 -3.934 1.00 24.73 ? 7  DG  A "C3'" 1 
ATOM   130 O "O3'" . DG  A 1 7 ? -0.815 -13.589 -4.283 1.00 27.35 ? 7  DG  A "O3'" 1 
ATOM   131 C "C2'" . DG  A 1 7 ? -1.900 -11.842 -3.064 1.00 24.18 ? 7  DG  A "C2'" 1 
ATOM   132 C "C1'" . DG  A 1 7 ? -1.361 -10.650 -2.293 1.00 21.24 ? 7  DG  A "C1'" 1 
ATOM   133 N N9    . DG  A 1 7 ? -1.666 -9.384  -2.948 1.00 20.17 ? 7  DG  A N9    1 
ATOM   134 C C8    . DG  A 1 7 ? -0.810 -8.559  -3.638 1.00 17.94 ? 7  DG  A C8    1 
ATOM   135 N N7    . DG  A 1 7 ? -1.387 -7.466  -4.052 1.00 16.56 ? 7  DG  A N7    1 
ATOM   136 C C5    . DG  A 1 7 ? -2.703 -7.584  -3.616 1.00 18.53 ? 7  DG  A C5    1 
ATOM   137 C C6    . DG  A 1 7 ? -3.788 -6.675  -3.690 1.00 19.91 ? 7  DG  A C6    1 
ATOM   138 O O6    . DG  A 1 7 ? -3.819 -5.556  -4.200 1.00 22.64 ? 7  DG  A O6    1 
ATOM   139 N N1    . DG  A 1 7 ? -4.926 -7.181  -3.080 1.00 20.49 ? 7  DG  A N1    1 
ATOM   140 C C2    . DG  A 1 7 ? -5.019 -8.394  -2.463 1.00 21.93 ? 7  DG  A C2    1 
ATOM   141 N N2    . DG  A 1 7 ? -6.215 -8.706  -1.922 1.00 20.90 ? 7  DG  A N2    1 
ATOM   142 N N3    . DG  A 1 7 ? -4.013 -9.244  -2.372 1.00 21.31 ? 7  DG  A N3    1 
ATOM   143 C C4    . DG  A 1 7 ? -2.894 -8.774  -2.962 1.00 19.14 ? 7  DG  A C4    1 
ATOM   144 P P     . DC  A 1 8 ? -1.544 -14.011 -5.645 1.00 27.80 ? 8  DC  A P     1 
ATOM   145 O OP1   . DC  A 1 8 ? -1.247 -15.447 -5.693 1.00 34.64 ? 8  DC  A OP1   1 
ATOM   146 O OP2   . DC  A 1 8 ? -1.186 -13.136 -6.788 1.00 29.65 ? 8  DC  A OP2   1 
ATOM   147 O "O5'" . DC  A 1 8 ? -3.094 -13.867 -5.365 1.00 27.32 ? 8  DC  A "O5'" 1 
ATOM   148 C "C5'" . DC  A 1 8 ? -3.648 -14.211 -4.081 1.00 35.04 ? 8  DC  A "C5'" 1 
ATOM   149 C "C4'" . DC  A 1 8 ? -5.130 -13.911 -4.073 1.00 40.52 ? 8  DC  A "C4'" 1 
ATOM   150 O "O4'" . DC  A 1 8 ? -5.338 -12.475 -4.035 1.00 41.41 ? 8  DC  A "O4'" 1 
ATOM   151 C "C3'" . DC  A 1 8 ? -5.773 -14.407 -5.372 1.00 43.44 ? 8  DC  A "C3'" 1 
ATOM   152 O "O3'" . DC  A 1 8 ? -6.985 -15.151 -5.175 1.00 49.94 ? 8  DC  A "O3'" 1 
ATOM   153 C "C2'" . DC  A 1 8 ? -5.976 -13.147 -6.191 1.00 40.89 ? 8  DC  A "C2'" 1 
ATOM   154 C "C1'" . DC  A 1 8 ? -6.115 -12.055 -5.146 1.00 36.44 ? 8  DC  A "C1'" 1 
ATOM   155 N N1    . DC  A 1 8 ? -5.603 -10.751 -5.612 1.00 31.97 ? 8  DC  A N1    1 
ATOM   156 C C2    . DC  A 1 8 ? -6.458 -9.643  -5.575 1.00 26.97 ? 8  DC  A C2    1 
ATOM   157 O O2    . DC  A 1 8 ? -7.599 -9.779  -5.110 1.00 24.32 ? 8  DC  A O2    1 
ATOM   158 N N3    . DC  A 1 8 ? -6.023 -8.458  -6.048 1.00 21.46 ? 8  DC  A N3    1 
ATOM   159 C C4    . DC  A 1 8 ? -4.791 -8.351  -6.541 1.00 21.06 ? 8  DC  A C4    1 
ATOM   160 N N4    . DC  A 1 8 ? -4.423 -7.170  -7.013 1.00 18.76 ? 8  DC  A N4    1 
ATOM   161 C C5    . DC  A 1 8 ? -3.887 -9.453  -6.575 1.00 22.41 ? 8  DC  A C5    1 
ATOM   162 C C6    . DC  A 1 8 ? -4.327 -10.623 -6.095 1.00 27.48 ? 8  DC  A C6    1 
HETATM 163 O O     . HOH B 2 . ? 4.999  -4.754  1.352  1.00 20.43 ? 9  HOH A O     1 
HETATM 164 O O     . HOH B 2 . ? -1.363 4.162   10.547 1.00 56.38 ? 10 HOH A O     1 
HETATM 165 O O     . HOH B 2 . ? -2.097 5.401   3.064  1.00 43.38 ? 11 HOH A O     1 
HETATM 166 O O     . HOH B 2 . ? 1.651  -6.465  -6.270 1.00 36.51 ? 12 HOH A O     1 
HETATM 167 O O     . HOH B 2 . ? -0.692 -5.634  -5.683 1.00 41.81 ? 13 HOH A O     1 
HETATM 168 O O     . HOH B 2 . ? -4.743 5.356   10.707 1.00 42.19 ? 14 HOH A O     1 
HETATM 169 O O     . HOH B 2 . ? -2.054 3.204   4.733  1.00 39.53 ? 15 HOH A O     1 
HETATM 170 O O     . HOH B 2 . ? -1.809 -7.086  -7.933 1.00 32.01 ? 16 HOH A O     1 
HETATM 171 O O     . HOH B 2 . ? -7.316 7.678   6.284  1.00 38.12 ? 17 HOH A O     1 
HETATM 172 O O     . HOH B 2 . ? 1.844  -2.328  -4.860 1.00 53.04 ? 18 HOH A O     1 
HETATM 173 O O     . HOH B 2 . ? 2.290  -10.309 -9.696 1.00 50.57 ? 19 HOH A O     1 
HETATM 174 O O     . HOH B 2 . ? 4.308  9.050   -6.296 1.00 68.54 ? 20 HOH A O     1 
HETATM 175 O O     . HOH B 2 . ? -5.314 -11.695 -1.228 1.00 40.24 ? 21 HOH A O     1 
HETATM 176 O O     . HOH B 2 . ? -9.821 11.771  4.636  1.00 66.76 ? 22 HOH A O     1 
HETATM 177 O O     . HOH B 2 . ? -0.455 -9.841  -7.679 1.00 40.37 ? 23 HOH A O     1 
HETATM 178 O O     . HOH B 2 . ? -0.721 1.305   -2.403 1.00 85.12 ? 24 HOH A O     1 
# 
